data_3VO0
#
_entry.id   3VO0
#
_cell.length_a   101.489
_cell.length_b   101.489
_cell.length_c   218.238
_cell.angle_alpha   90.00
_cell.angle_beta   90.00
_cell.angle_gamma   90.00
#
_symmetry.space_group_name_H-M   'I 41 2 2'
#
loop_
_entity.id
_entity.type
_entity.pdbx_description
1 polymer beta-Glucuronidase
2 non-polymer '2-deoxy-2-fluoro-alpha-D-glucopyranuronic acid'
3 non-polymer '2-deoxy-2-fluoro-beta-D-glucopyranuronic acid'
4 non-polymer 2,4-DINITROPHENOL
5 non-polymer 'PHOSPHATE ION'
6 water water
#
_entity_poly.entity_id   1
_entity_poly.type   'polypeptide(L)'
_entity_poly.pdbx_seq_one_letter_code
;MAFARGGLAQTASQTTSSPVRVGLSVDASALGHTIPPDYTGLSYEQAQMANPNYFSGANTQLAGFLRTLGRQGVLRIGGN
TSEYTFWNRHAKPTAADEHLAAGPDKGHHAAAREVITPEAVNNLSEFLDKTGWKLIYGLNLGKGTPENAADEAAYVMETI
GADRLLAFQLGNEPDLFYRNGIRPASYDFAAYAGDWQRFFTAIRKRVPNAPFAGPDTAYNTKWLVPFADKFKHDVKFISS
HYYAEGPPTDPSMTIERLMKPNPRLLGETAGLKQVEADTGLPFRLTETNSCYQGGKQGVSDTFAAALWAGDLMYQQAAAG
STGINFHGGGYGWYTPVAGTPEDGFIARPEYYGMLLFAQAGAGQLLGAKLTDNSAAPLLTAYALRGTDGRTRIALFNKNL
DADVEVAISGVASPSGTVLRLEAPRADDTTDVTFGGAPVGASGSWSPLVQEYVPGHSGQFVLHMRKASGALLEFAKLAAA
LQHHHHHH
;
_entity_poly.pdbx_strand_id   A
#
loop_
_chem_comp.id
_chem_comp.type
_chem_comp.name
_chem_comp.formula
DNF non-polymer 2,4-DINITROPHENOL 'C6 H4 N2 O5'
GUF D-saccharide, beta linking '2-deoxy-2-fluoro-beta-D-glucopyranuronic acid' 'C6 H9 F O6'
GUZ D-saccharide, alpha linking '2-deoxy-2-fluoro-alpha-D-glucopyranuronic acid' 'C6 H9 F O6'
PO4 non-polymer 'PHOSPHATE ION' 'O4 P -3'
#
# COMPACT_ATOMS: atom_id res chain seq x y z
N SER A 18 -28.76 -12.53 16.35
CA SER A 18 -27.82 -13.65 16.68
C SER A 18 -26.71 -13.70 15.65
N PRO A 19 -25.46 -13.93 16.10
CA PRO A 19 -24.30 -13.94 15.21
C PRO A 19 -24.41 -15.05 14.19
N VAL A 20 -23.82 -14.85 13.03
CA VAL A 20 -23.65 -15.91 12.08
C VAL A 20 -22.46 -16.74 12.53
N ARG A 21 -22.68 -18.04 12.69
CA ARG A 21 -21.66 -18.90 13.28
C ARG A 21 -20.83 -19.52 12.20
N VAL A 22 -19.58 -19.10 12.10
CA VAL A 22 -18.70 -19.57 11.04
C VAL A 22 -17.52 -20.34 11.63
N GLY A 23 -16.93 -21.22 10.82
CA GLY A 23 -15.71 -21.93 11.21
C GLY A 23 -14.52 -21.35 10.46
N LEU A 24 -13.41 -21.24 11.17
CA LEU A 24 -12.13 -20.95 10.57
C LEU A 24 -11.12 -22.04 10.94
N SER A 25 -10.76 -22.89 9.98
CA SER A 25 -9.78 -23.97 10.18
CA SER A 25 -9.78 -23.96 10.18
C SER A 25 -8.41 -23.51 9.69
N VAL A 26 -7.50 -23.30 10.63
CA VAL A 26 -6.13 -22.96 10.30
C VAL A 26 -5.33 -24.25 10.06
N ASP A 27 -4.58 -24.28 8.96
CA ASP A 27 -3.73 -25.43 8.69
C ASP A 27 -2.28 -25.01 8.64
N ALA A 28 -1.62 -25.09 9.80
CA ALA A 28 -0.21 -24.72 9.95
C ALA A 28 0.75 -25.49 9.01
N SER A 29 0.30 -26.61 8.45
CA SER A 29 1.13 -27.40 7.52
C SER A 29 1.00 -26.93 6.07
N ALA A 30 -0.02 -26.12 5.76
CA ALA A 30 -0.20 -25.59 4.40
C ALA A 30 0.44 -24.20 4.34
N LEU A 31 1.68 -24.14 3.86
CA LEU A 31 2.45 -22.88 3.87
C LEU A 31 2.11 -22.08 2.64
N GLY A 32 1.86 -20.79 2.82
CA GLY A 32 1.65 -19.94 1.67
C GLY A 32 2.85 -19.02 1.52
N HIS A 33 2.59 -17.84 0.93
CA HIS A 33 3.62 -16.87 0.64
C HIS A 33 4.18 -16.23 1.91
N THR A 34 5.40 -15.74 1.80
CA THR A 34 6.04 -15.06 2.90
C THR A 34 5.70 -13.58 2.75
N ILE A 35 5.46 -12.94 3.88
CA ILE A 35 5.25 -11.50 3.92
C ILE A 35 6.59 -10.88 4.31
N PRO A 36 7.19 -10.10 3.39
CA PRO A 36 8.52 -9.54 3.65
C PRO A 36 8.45 -8.30 4.57
N PRO A 37 9.57 -7.95 5.23
CA PRO A 37 9.49 -6.80 6.13
C PRO A 37 9.16 -5.49 5.39
N ASP A 38 9.40 -5.41 4.08
CA ASP A 38 9.11 -4.13 3.37
C ASP A 38 7.82 -4.20 2.56
N TYR A 39 6.92 -5.12 2.94
CA TYR A 39 5.64 -5.25 2.26
C TYR A 39 4.85 -3.93 2.20
N THR A 40 4.81 -3.21 3.32
CA THR A 40 3.91 -2.08 3.40
C THR A 40 4.50 -0.89 2.63
N GLY A 41 3.68 0.09 2.31
CA GLY A 41 4.18 1.27 1.63
C GLY A 41 3.10 2.25 1.27
N LEU A 42 3.54 3.40 0.77
CA LEU A 42 2.64 4.48 0.37
C LEU A 42 3.07 4.98 -1.01
N SER A 43 2.15 5.65 -1.71
CA SER A 43 2.48 6.28 -2.98
C SER A 43 2.10 7.75 -2.89
N TYR A 44 2.91 8.63 -3.48
CA TYR A 44 2.62 10.06 -3.48
C TYR A 44 2.89 10.62 -4.89
N GLU A 45 2.28 11.75 -5.19
CA GLU A 45 2.52 12.48 -6.44
C GLU A 45 3.94 13.01 -6.54
N GLN A 46 4.56 12.81 -7.69
CA GLN A 46 5.85 13.43 -8.00
C GLN A 46 5.84 14.93 -7.74
N ALA A 47 4.70 15.58 -7.99
CA ALA A 47 4.55 17.01 -7.76
C ALA A 47 4.89 17.39 -6.31
N GLN A 48 4.81 16.45 -5.37
CA GLN A 48 5.16 16.73 -3.96
C GLN A 48 6.63 17.18 -3.85
N MET A 49 7.47 16.67 -4.75
CA MET A 49 8.88 17.07 -4.82
C MET A 49 9.09 18.57 -5.10
N ALA A 50 8.04 19.29 -5.48
CA ALA A 50 8.16 20.75 -5.70
C ALA A 50 8.31 21.50 -4.38
N ASN A 51 7.94 20.83 -3.28
CA ASN A 51 8.10 21.35 -1.92
C ASN A 51 9.11 20.51 -1.13
N PRO A 52 10.37 21.00 -1.05
CA PRO A 52 11.45 20.31 -0.34
C PRO A 52 11.20 20.12 1.18
N ASN A 53 10.17 20.78 1.73
CA ASN A 53 9.93 20.65 3.18
C ASN A 53 9.02 19.48 3.54
N TYR A 54 8.43 18.86 2.52
CA TYR A 54 7.47 17.79 2.76
C TYR A 54 8.26 16.49 3.04
N PHE A 55 8.93 15.95 2.05
CA PHE A 55 9.83 14.81 2.30
C PHE A 55 11.18 15.36 2.74
N SER A 56 11.35 15.51 4.04
CA SER A 56 12.47 16.24 4.59
C SER A 56 12.80 15.64 5.93
N GLY A 57 14.05 15.75 6.34
CA GLY A 57 14.47 15.28 7.67
C GLY A 57 13.76 16.03 8.79
N ALA A 58 13.33 17.27 8.52
CA ALA A 58 12.69 18.11 9.51
C ALA A 58 11.22 17.77 9.65
N ASN A 59 10.69 17.00 8.70
CA ASN A 59 9.30 16.57 8.80
C ASN A 59 9.26 15.32 9.70
N THR A 60 9.44 15.54 11.00
CA THR A 60 9.46 14.44 11.98
C THR A 60 8.08 13.82 12.19
N GLN A 61 7.02 14.62 11.97
CA GLN A 61 5.65 14.12 12.16
C GLN A 61 5.32 13.09 11.10
N LEU A 62 5.49 13.45 9.83
CA LEU A 62 5.22 12.43 8.78
C LEU A 62 6.10 11.19 8.91
N ALA A 63 7.39 11.36 9.16
CA ALA A 63 8.28 10.22 9.35
C ALA A 63 7.76 9.30 10.46
N GLY A 64 7.21 9.88 11.53
CA GLY A 64 6.69 9.09 12.66
C GLY A 64 5.53 8.19 12.23
N PHE A 65 4.65 8.77 11.41
CA PHE A 65 3.53 7.98 10.88
C PHE A 65 4.02 6.83 10.02
N LEU A 66 5.04 7.05 9.18
CA LEU A 66 5.61 5.99 8.37
C LEU A 66 6.28 4.92 9.21
N ARG A 67 7.04 5.30 10.22
CA ARG A 67 7.70 4.30 11.08
C ARG A 67 6.67 3.38 11.76
N THR A 68 5.52 3.95 12.17
CA THR A 68 4.45 3.15 12.79
C THR A 68 3.83 2.16 11.79
N LEU A 69 3.75 2.55 10.52
CA LEU A 69 3.27 1.63 9.45
C LEU A 69 4.22 0.47 9.19
N GLY A 70 5.51 0.69 9.46
CA GLY A 70 6.50 -0.38 9.32
C GLY A 70 7.94 0.06 9.58
N ARG A 71 8.66 -0.79 10.30
CA ARG A 71 10.12 -0.68 10.47
C ARG A 71 10.81 -0.69 9.11
N GLN A 72 10.24 -1.45 8.19
CA GLN A 72 10.63 -1.36 6.79
C GLN A 72 9.39 -1.08 5.96
N GLY A 73 9.58 -0.60 4.74
CA GLY A 73 8.47 -0.25 3.88
C GLY A 73 9.02 0.43 2.66
N VAL A 74 8.14 0.82 1.74
CA VAL A 74 8.56 1.51 0.53
C VAL A 74 7.76 2.77 0.30
N LEU A 75 8.49 3.86 0.05
CA LEU A 75 7.88 5.08 -0.43
C LEU A 75 7.96 5.12 -1.96
N ARG A 76 6.82 5.18 -2.62
CA ARG A 76 6.77 5.32 -4.09
C ARG A 76 6.33 6.75 -4.42
N ILE A 77 7.08 7.35 -5.35
CA ILE A 77 6.80 8.68 -5.87
C ILE A 77 6.59 8.49 -7.39
N GLY A 78 5.43 8.94 -7.87
CA GLY A 78 5.07 8.97 -9.31
C GLY A 78 3.72 9.58 -9.57
N GLY A 79 2.79 8.79 -10.10
CA GLY A 79 1.44 9.29 -10.32
C GLY A 79 1.26 10.14 -11.56
N ASN A 80 0.04 10.66 -11.74
CA ASN A 80 -0.28 11.48 -12.91
C ASN A 80 0.63 12.72 -13.02
N THR A 81 1.11 13.24 -11.89
CA THR A 81 1.97 14.43 -11.93
C THR A 81 3.39 14.12 -12.40
N SER A 82 3.79 12.85 -12.41
CA SER A 82 5.14 12.52 -12.81
C SER A 82 5.42 12.81 -14.31
N GLU A 83 4.38 13.13 -15.06
CA GLU A 83 4.56 13.47 -16.48
C GLU A 83 4.73 14.97 -16.63
N TYR A 84 4.51 15.70 -15.54
CA TYR A 84 4.49 17.14 -15.58
C TYR A 84 5.50 17.76 -14.63
N THR A 85 6.40 16.92 -14.12
CA THR A 85 7.45 17.37 -13.21
C THR A 85 8.78 17.20 -13.90
N PHE A 86 9.60 18.26 -13.84
CA PHE A 86 10.83 18.25 -14.61
C PHE A 86 11.98 18.54 -13.68
N TRP A 87 12.86 17.55 -13.56
CA TRP A 87 14.13 17.77 -12.90
C TRP A 87 14.86 18.96 -13.55
N ASN A 88 15.39 19.86 -12.72
CA ASN A 88 16.21 20.96 -13.21
C ASN A 88 17.43 21.06 -12.33
N ARG A 89 18.52 20.46 -12.76
CA ARG A 89 19.74 20.46 -11.98
C ARG A 89 20.24 21.90 -11.69
N HIS A 90 19.88 22.85 -12.54
CA HIS A 90 20.32 24.25 -12.42
C HIS A 90 19.24 25.16 -11.90
N ALA A 91 18.27 24.62 -11.20
CA ALA A 91 17.22 25.46 -10.64
C ALA A 91 17.77 26.36 -9.54
N LYS A 92 17.25 27.58 -9.47
CA LYS A 92 17.32 28.39 -8.24
C LYS A 92 16.67 27.56 -7.14
N PRO A 93 17.21 27.61 -5.91
CA PRO A 93 16.58 26.86 -4.82
C PRO A 93 15.17 27.35 -4.56
N THR A 94 14.95 28.62 -4.90
CA THR A 94 13.69 29.32 -4.66
C THR A 94 12.59 29.07 -5.71
N ALA A 95 12.94 28.31 -6.74
CA ALA A 95 11.95 27.73 -7.67
C ALA A 95 10.93 26.89 -6.88
N ALA A 96 11.40 26.28 -5.79
CA ALA A 96 10.58 25.50 -4.84
C ALA A 96 9.27 26.19 -4.39
N ASP A 97 8.20 25.41 -4.29
CA ASP A 97 6.94 25.88 -3.72
C ASP A 97 6.90 25.47 -2.25
N GLU A 98 7.44 26.34 -1.38
CA GLU A 98 7.66 26.07 0.05
C GLU A 98 6.44 25.56 0.82
N HIS A 99 5.25 25.76 0.25
CA HIS A 99 4.00 25.49 0.94
C HIS A 99 3.23 24.28 0.42
N LEU A 100 3.55 23.85 -0.80
CA LEU A 100 2.75 22.83 -1.44
C LEU A 100 2.55 21.52 -0.64
N ALA A 101 1.29 21.19 -0.36
CA ALA A 101 0.95 19.82 0.02
C ALA A 101 0.11 19.19 -1.11
N ALA A 102 0.78 18.40 -1.94
CA ALA A 102 0.24 17.88 -3.19
C ALA A 102 -0.63 16.68 -2.92
N GLY A 103 -1.94 16.86 -3.04
CA GLY A 103 -2.88 15.75 -2.83
C GLY A 103 -2.94 14.85 -4.08
N PRO A 104 -3.54 13.66 -3.95
CA PRO A 104 -3.64 12.78 -5.13
C PRO A 104 -4.18 13.55 -6.31
N ASP A 105 -3.59 13.35 -7.49
CA ASP A 105 -4.10 14.00 -8.72
C ASP A 105 -5.54 13.58 -8.99
N LYS A 106 -6.42 14.53 -9.32
CA LYS A 106 -7.83 14.20 -9.51
C LYS A 106 -8.18 13.63 -10.88
N GLY A 107 -7.21 13.64 -11.79
CA GLY A 107 -7.34 12.95 -13.09
C GLY A 107 -8.46 13.49 -14.00
N HIS A 108 -8.68 14.80 -14.00
CA HIS A 108 -9.64 15.41 -14.94
C HIS A 108 -8.94 16.08 -16.13
N HIS A 109 -7.76 16.65 -15.88
CA HIS A 109 -6.98 17.28 -16.94
C HIS A 109 -5.49 17.22 -16.53
N ALA A 110 -4.60 17.44 -17.49
CA ALA A 110 -3.16 17.59 -17.22
C ALA A 110 -2.87 18.34 -15.90
N ALA A 111 -1.92 17.82 -15.13
CA ALA A 111 -1.46 18.46 -13.89
C ALA A 111 -0.62 19.71 -14.22
N ALA A 112 -0.56 20.65 -13.29
CA ALA A 112 0.28 21.84 -13.45
C ALA A 112 1.74 21.42 -13.55
N ARG A 113 2.52 22.07 -14.40
CA ARG A 113 3.92 21.69 -14.56
C ARG A 113 4.78 22.26 -13.41
N GLU A 114 5.71 21.45 -12.92
CA GLU A 114 6.47 21.79 -11.71
C GLU A 114 7.89 21.39 -11.97
N VAL A 115 8.82 22.09 -11.36
CA VAL A 115 10.21 21.71 -11.40
C VAL A 115 10.62 20.96 -10.11
N ILE A 116 11.50 19.98 -10.24
CA ILE A 116 12.11 19.38 -9.08
C ILE A 116 13.54 19.95 -8.92
N THR A 117 13.85 20.47 -7.72
CA THR A 117 15.18 21.05 -7.44
C THR A 117 16.15 20.06 -6.79
N PRO A 118 17.49 20.30 -6.88
CA PRO A 118 18.40 19.41 -6.19
C PRO A 118 18.12 19.28 -4.68
N GLU A 119 17.68 20.36 -4.03
CA GLU A 119 17.49 20.28 -2.57
C GLU A 119 16.31 19.38 -2.20
N ALA A 120 15.30 19.35 -3.08
CA ALA A 120 14.22 18.38 -2.88
C ALA A 120 14.74 16.94 -2.77
N VAL A 121 15.73 16.59 -3.61
CA VAL A 121 16.29 15.22 -3.62
C VAL A 121 17.13 14.97 -2.38
N ASN A 122 17.92 15.97 -2.00
CA ASN A 122 18.66 15.95 -0.75
C ASN A 122 17.75 15.70 0.47
N ASN A 123 16.62 16.39 0.51
CA ASN A 123 15.73 16.27 1.67
C ASN A 123 15.01 14.95 1.64
N LEU A 124 14.69 14.47 0.44
CA LEU A 124 14.10 13.14 0.31
C LEU A 124 15.03 12.08 0.92
N SER A 125 16.33 12.16 0.65
CA SER A 125 17.31 11.27 1.30
C SER A 125 17.28 11.30 2.83
N GLU A 126 17.21 12.50 3.41
CA GLU A 126 17.10 12.65 4.86
C GLU A 126 15.83 11.98 5.41
N PHE A 127 14.70 12.24 4.75
CA PHE A 127 13.43 11.62 5.10
C PHE A 127 13.49 10.10 5.06
N LEU A 128 14.02 9.53 3.99
CA LEU A 128 14.24 8.08 3.93
C LEU A 128 15.14 7.58 5.07
N ASP A 129 16.19 8.33 5.41
CA ASP A 129 17.07 7.97 6.51
C ASP A 129 16.33 7.99 7.85
N LYS A 130 15.39 8.92 8.02
CA LYS A 130 14.67 8.99 9.29
C LYS A 130 13.62 7.92 9.44
N THR A 131 13.12 7.44 8.30
CA THR A 131 12.02 6.48 8.29
C THR A 131 12.51 5.04 8.21
N GLY A 132 13.69 4.81 7.64
CA GLY A 132 14.16 3.44 7.36
C GLY A 132 13.51 2.77 6.15
N TRP A 133 12.73 3.53 5.39
CA TRP A 133 12.06 3.01 4.22
C TRP A 133 12.92 3.13 2.93
N LYS A 134 12.57 2.34 1.92
CA LYS A 134 13.19 2.37 0.60
C LYS A 134 12.35 3.16 -0.39
N LEU A 135 12.90 3.45 -1.55
CA LEU A 135 12.28 4.37 -2.47
C LEU A 135 12.05 3.78 -3.86
N ILE A 136 10.84 3.95 -4.38
CA ILE A 136 10.54 3.80 -5.81
C ILE A 136 10.35 5.17 -6.41
N TYR A 137 11.14 5.52 -7.42
CA TYR A 137 11.14 6.89 -7.93
C TYR A 137 10.72 7.01 -9.40
N GLY A 138 9.66 7.76 -9.68
CA GLY A 138 9.18 7.97 -11.05
C GLY A 138 10.06 8.90 -11.91
N LEU A 139 10.23 8.55 -13.19
CA LEU A 139 10.94 9.44 -14.13
C LEU A 139 9.97 9.85 -15.24
N ASN A 140 10.24 10.99 -15.87
CA ASN A 140 9.28 11.60 -16.77
C ASN A 140 9.41 11.11 -18.20
N LEU A 141 8.80 9.97 -18.48
CA LEU A 141 8.76 9.45 -19.86
C LEU A 141 7.63 10.06 -20.68
N GLY A 142 6.58 10.53 -20.00
CA GLY A 142 5.45 11.16 -20.68
C GLY A 142 5.77 12.45 -21.44
N LYS A 143 6.48 13.36 -20.80
CA LYS A 143 6.79 14.63 -21.45
C LYS A 143 8.27 15.03 -21.42
N GLY A 144 9.09 14.31 -20.67
CA GLY A 144 10.50 14.68 -20.51
C GLY A 144 11.39 14.07 -21.58
N THR A 145 12.64 14.52 -21.63
CA THR A 145 13.61 13.92 -22.55
C THR A 145 14.38 12.79 -21.86
N PRO A 146 14.95 11.84 -22.64
CA PRO A 146 15.79 10.78 -22.09
C PRO A 146 17.07 11.28 -21.44
N GLU A 147 17.60 12.41 -21.92
CA GLU A 147 18.83 12.98 -21.36
CA GLU A 147 18.80 13.03 -21.39
C GLU A 147 18.57 13.52 -19.95
N ASN A 148 17.48 14.26 -19.78
CA ASN A 148 17.11 14.79 -18.46
C ASN A 148 16.77 13.70 -17.45
N ALA A 149 16.10 12.64 -17.91
CA ALA A 149 15.85 11.44 -17.08
C ALA A 149 17.17 10.84 -16.59
N ALA A 150 18.13 10.76 -17.49
CA ALA A 150 19.45 10.23 -17.17
C ALA A 150 20.15 11.10 -16.11
N ASP A 151 20.03 12.40 -16.26
CA ASP A 151 20.64 13.33 -15.29
C ASP A 151 19.94 13.23 -13.92
N GLU A 152 18.62 13.27 -13.93
CA GLU A 152 17.80 13.07 -12.72
C GLU A 152 18.22 11.77 -12.00
N ALA A 153 18.19 10.66 -12.75
CA ALA A 153 18.60 9.35 -12.21
C ALA A 153 19.97 9.41 -11.53
N ALA A 154 20.94 10.04 -12.20
CA ALA A 154 22.30 10.16 -11.66
C ALA A 154 22.33 10.88 -10.29
N TYR A 155 21.61 12.00 -10.20
CA TYR A 155 21.54 12.74 -8.95
C TYR A 155 20.83 11.96 -7.84
N VAL A 156 19.74 11.28 -8.18
CA VAL A 156 18.99 10.47 -7.21
C VAL A 156 19.85 9.31 -6.72
N MET A 157 20.51 8.63 -7.64
CA MET A 157 21.36 7.52 -7.26
C MET A 157 22.49 8.01 -6.37
N GLU A 158 23.08 9.14 -6.71
CA GLU A 158 24.17 9.70 -5.91
C GLU A 158 23.69 10.10 -4.51
N THR A 159 22.50 10.70 -4.46
CA THR A 159 21.99 11.34 -3.25
C THR A 159 21.29 10.37 -2.31
N ILE A 160 20.41 9.54 -2.88
CA ILE A 160 19.62 8.55 -2.14
C ILE A 160 20.51 7.37 -1.78
N GLY A 161 21.34 6.91 -2.72
CA GLY A 161 22.24 5.79 -2.48
C GLY A 161 21.64 4.52 -3.05
N ALA A 162 22.51 3.56 -3.38
CA ALA A 162 22.10 2.30 -3.97
C ALA A 162 21.34 1.42 -2.99
N ASP A 163 21.66 1.54 -1.70
CA ASP A 163 21.02 0.74 -0.65
C ASP A 163 19.54 1.06 -0.53
N ARG A 164 19.18 2.32 -0.72
CA ARG A 164 17.79 2.74 -0.48
CA ARG A 164 17.81 2.79 -0.48
C ARG A 164 16.97 2.94 -1.75
N LEU A 165 17.63 2.98 -2.90
CA LEU A 165 16.89 3.17 -4.14
C LEU A 165 16.47 1.81 -4.67
N LEU A 166 15.17 1.52 -4.56
CA LEU A 166 14.66 0.22 -4.96
C LEU A 166 14.50 0.11 -6.48
N ALA A 167 13.89 1.12 -7.09
CA ALA A 167 13.74 1.15 -8.54
C ALA A 167 13.34 2.52 -9.03
N PHE A 168 13.75 2.81 -10.27
CA PHE A 168 13.16 3.86 -11.06
C PHE A 168 12.03 3.27 -11.84
N GLN A 169 11.04 4.11 -12.14
CA GLN A 169 9.95 3.72 -13.02
C GLN A 169 9.76 4.75 -14.13
N LEU A 170 9.52 4.26 -15.35
CA LEU A 170 9.57 5.12 -16.52
C LEU A 170 8.19 5.42 -17.01
N GLY A 171 7.61 6.45 -16.44
CA GLY A 171 6.23 6.81 -16.75
C GLY A 171 5.29 6.19 -15.74
N ASN A 172 4.16 6.87 -15.57
CA ASN A 172 3.08 6.37 -14.75
C ASN A 172 1.87 5.99 -15.62
N GLU A 173 1.30 4.80 -15.38
CA GLU A 173 0.09 4.33 -16.09
C GLU A 173 0.21 4.58 -17.62
N PRO A 174 1.28 4.06 -18.23
CA PRO A 174 1.47 4.28 -19.66
C PRO A 174 0.33 3.71 -20.54
N ASP A 175 -0.51 2.83 -19.97
CA ASP A 175 -1.64 2.24 -20.66
C ASP A 175 -2.81 3.21 -20.83
N LEU A 176 -2.68 4.43 -20.30
CA LEU A 176 -3.73 5.40 -20.46
C LEU A 176 -3.27 6.59 -21.29
N PHE A 177 -2.02 6.54 -21.73
CA PHE A 177 -1.44 7.62 -22.53
C PHE A 177 -2.29 7.86 -23.78
N TYR A 178 -2.84 6.77 -24.33
CA TYR A 178 -3.57 6.79 -25.60
C TYR A 178 -4.85 7.59 -25.45
N ARG A 179 -5.36 7.69 -24.22
CA ARG A 179 -6.61 8.39 -24.03
C ARG A 179 -6.50 9.73 -23.33
N ASN A 180 -5.40 9.97 -22.62
CA ASN A 180 -5.29 11.23 -21.84
C ASN A 180 -4.52 12.37 -22.52
N GLY A 181 -3.96 12.08 -23.70
CA GLY A 181 -3.33 13.12 -24.52
C GLY A 181 -1.81 13.13 -24.43
N ILE A 182 -1.26 12.30 -23.54
CA ILE A 182 0.18 12.21 -23.35
C ILE A 182 0.80 11.60 -24.60
N ARG A 183 -0.04 10.90 -25.36
CA ARG A 183 0.33 10.26 -26.62
C ARG A 183 -0.88 10.28 -27.54
N PRO A 184 -0.67 9.95 -28.83
CA PRO A 184 -1.82 9.89 -29.75
C PRO A 184 -2.71 8.63 -29.53
N ALA A 185 -3.96 8.72 -29.97
CA ALA A 185 -4.98 7.66 -29.82
C ALA A 185 -4.50 6.27 -30.25
N SER A 186 -3.41 6.22 -31.00
CA SER A 186 -2.87 4.96 -31.51
C SER A 186 -1.73 4.36 -30.70
N TYR A 187 -1.28 5.05 -29.65
CA TYR A 187 -0.26 4.51 -28.74
C TYR A 187 -0.73 3.18 -28.15
N ASP A 188 0.17 2.20 -28.08
CA ASP A 188 -0.17 0.86 -27.63
C ASP A 188 1.06 0.27 -26.96
N PHE A 189 0.96 -0.98 -26.51
CA PHE A 189 2.12 -1.59 -25.85
C PHE A 189 3.36 -1.44 -26.69
N ALA A 190 3.29 -1.79 -27.98
CA ALA A 190 4.45 -1.70 -28.87
C ALA A 190 5.22 -0.37 -28.71
N ALA A 191 4.49 0.72 -28.86
CA ALA A 191 5.06 2.06 -28.84
C ALA A 191 5.66 2.39 -27.46
N TYR A 192 4.98 1.95 -26.40
CA TYR A 192 5.49 2.11 -25.04
C TYR A 192 6.82 1.43 -24.88
N ALA A 193 6.94 0.20 -25.37
CA ALA A 193 8.18 -0.58 -25.29
C ALA A 193 9.32 0.09 -26.06
N GLY A 194 8.95 0.88 -27.06
CA GLY A 194 9.90 1.69 -27.82
C GLY A 194 10.44 2.79 -26.90
N ASP A 195 9.53 3.65 -26.47
CA ASP A 195 9.75 4.71 -25.47
C ASP A 195 10.61 4.23 -24.28
N TRP A 196 10.20 3.14 -23.65
CA TRP A 196 10.90 2.58 -22.46
C TRP A 196 12.36 2.24 -22.73
N GLN A 197 12.60 1.58 -23.87
CA GLN A 197 13.94 1.17 -24.26
C GLN A 197 14.90 2.35 -24.44
N ARG A 198 14.37 3.41 -25.07
CA ARG A 198 15.07 4.66 -25.34
C ARG A 198 15.52 5.32 -24.02
N PHE A 199 14.57 5.51 -23.10
CA PHE A 199 14.90 6.04 -21.77
C PHE A 199 15.89 5.16 -20.98
N PHE A 200 15.62 3.86 -20.93
CA PHE A 200 16.46 2.90 -20.22
C PHE A 200 17.92 3.01 -20.62
N THR A 201 18.16 3.04 -21.93
CA THR A 201 19.53 3.09 -22.45
C THR A 201 20.21 4.39 -22.06
N ALA A 202 19.54 5.52 -22.23
CA ALA A 202 20.13 6.81 -21.82
C ALA A 202 20.51 6.80 -20.33
N ILE A 203 19.57 6.37 -19.47
CA ILE A 203 19.83 6.29 -18.03
C ILE A 203 21.01 5.38 -17.69
N ARG A 204 21.04 4.18 -18.25
CA ARG A 204 22.11 3.22 -17.94
C ARG A 204 23.51 3.69 -18.37
N LYS A 205 23.57 4.46 -19.45
CA LYS A 205 24.86 5.03 -19.91
C LYS A 205 25.45 5.90 -18.80
N ARG A 206 24.60 6.69 -18.15
CA ARG A 206 25.01 7.58 -17.08
C ARG A 206 25.06 6.91 -15.69
N VAL A 207 24.22 5.89 -15.49
CA VAL A 207 24.06 5.23 -14.18
C VAL A 207 23.96 3.73 -14.42
N PRO A 208 25.11 3.03 -14.44
CA PRO A 208 25.20 1.61 -14.81
C PRO A 208 24.42 0.68 -13.88
N ASN A 209 24.35 1.07 -12.60
CA ASN A 209 23.62 0.32 -11.58
C ASN A 209 22.17 0.78 -11.35
N ALA A 210 21.63 1.65 -12.21
CA ALA A 210 20.25 2.08 -12.08
C ALA A 210 19.28 0.90 -12.14
N PRO A 211 18.47 0.68 -11.06
CA PRO A 211 17.47 -0.40 -11.03
C PRO A 211 16.13 0.07 -11.57
N PHE A 212 15.31 -0.86 -12.07
CA PHE A 212 14.07 -0.49 -12.74
C PHE A 212 12.89 -1.40 -12.38
N ALA A 213 11.69 -0.87 -12.55
CA ALA A 213 10.46 -1.62 -12.39
C ALA A 213 9.45 -1.04 -13.38
N GLY A 214 8.47 -1.85 -13.78
CA GLY A 214 7.39 -1.38 -14.65
C GLY A 214 6.43 -2.53 -14.92
N PRO A 215 5.38 -2.29 -15.72
CA PRO A 215 5.19 -1.05 -16.45
C PRO A 215 4.43 0.02 -15.67
N ASP A 216 4.17 -0.21 -14.38
CA ASP A 216 3.44 0.76 -13.56
C ASP A 216 2.07 1.10 -14.14
N THR A 217 1.44 0.09 -14.73
CA THR A 217 0.19 0.26 -15.43
C THR A 217 -1.02 0.50 -14.55
N ALA A 218 -1.96 1.28 -15.07
CA ALA A 218 -3.24 1.56 -14.44
C ALA A 218 -4.14 0.34 -14.24
N TYR A 219 -4.33 -0.46 -15.29
CA TYR A 219 -5.36 -1.52 -15.26
C TYR A 219 -5.07 -2.61 -16.28
N ASN A 220 -4.31 -2.29 -17.33
CA ASN A 220 -4.20 -3.21 -18.47
C ASN A 220 -3.24 -4.38 -18.27
N THR A 221 -3.78 -5.51 -17.83
CA THR A 221 -2.94 -6.68 -17.47
C THR A 221 -2.26 -7.36 -18.67
N LYS A 222 -2.75 -7.06 -19.88
CA LYS A 222 -2.21 -7.63 -21.11
C LYS A 222 -0.79 -7.10 -21.36
N TRP A 223 -0.50 -5.90 -20.82
CA TRP A 223 0.84 -5.34 -20.94
C TRP A 223 1.84 -6.03 -20.01
N LEU A 224 1.37 -6.79 -19.02
CA LEU A 224 2.25 -7.26 -17.93
C LEU A 224 3.30 -8.29 -18.35
N VAL A 225 2.82 -9.44 -18.82
CA VAL A 225 3.73 -10.48 -19.29
C VAL A 225 4.57 -10.01 -20.48
N PRO A 226 3.96 -9.34 -21.48
CA PRO A 226 4.76 -8.75 -22.59
C PRO A 226 5.87 -7.82 -22.08
N PHE A 227 5.55 -6.90 -21.16
CA PHE A 227 6.60 -6.06 -20.55
C PHE A 227 7.67 -6.92 -19.85
N ALA A 228 7.21 -7.86 -19.03
CA ALA A 228 8.11 -8.70 -18.23
C ALA A 228 9.02 -9.57 -19.10
N ASP A 229 8.44 -10.11 -20.17
CA ASP A 229 9.21 -10.87 -21.17
C ASP A 229 10.19 -9.98 -21.92
N LYS A 230 9.71 -8.86 -22.47
CA LYS A 230 10.55 -8.01 -23.29
C LYS A 230 11.75 -7.43 -22.50
N PHE A 231 11.51 -7.06 -21.24
CA PHE A 231 12.56 -6.40 -20.43
C PHE A 231 13.05 -7.22 -19.23
N LYS A 232 12.94 -8.54 -19.33
CA LYS A 232 13.29 -9.50 -18.25
C LYS A 232 14.65 -9.29 -17.55
N HIS A 233 15.67 -8.90 -18.30
CA HIS A 233 16.99 -8.68 -17.73
C HIS A 233 17.21 -7.23 -17.26
N ASP A 234 16.23 -6.36 -17.51
CA ASP A 234 16.34 -4.94 -17.17
C ASP A 234 15.65 -4.51 -15.86
N VAL A 235 14.68 -5.28 -15.38
CA VAL A 235 13.84 -4.85 -14.25
C VAL A 235 14.01 -5.70 -12.97
N LYS A 236 13.67 -5.12 -11.82
CA LYS A 236 13.73 -5.84 -10.54
C LYS A 236 12.40 -6.51 -10.19
N PHE A 237 11.29 -5.90 -10.60
CA PHE A 237 9.97 -6.45 -10.33
C PHE A 237 8.99 -5.82 -11.27
N ILE A 238 7.79 -6.40 -11.29
CA ILE A 238 6.71 -5.93 -12.13
C ILE A 238 5.73 -5.20 -11.26
N SER A 239 5.18 -4.12 -11.81
CA SER A 239 4.25 -3.27 -11.08
C SER A 239 2.99 -2.97 -11.85
N SER A 240 1.90 -2.85 -11.09
CA SER A 240 0.64 -2.42 -11.64
C SER A 240 -0.21 -1.74 -10.57
N HIS A 241 -1.33 -1.17 -10.96
CA HIS A 241 -2.15 -0.43 -10.04
C HIS A 241 -3.50 -1.07 -9.81
N TYR A 242 -4.23 -0.56 -8.83
CA TYR A 242 -5.57 -1.03 -8.52
C TYR A 242 -6.40 -0.01 -7.77
N TYR A 243 -7.60 0.29 -8.28
CA TYR A 243 -8.61 1.07 -7.57
C TYR A 243 -9.91 0.30 -7.53
N ALA A 244 -10.52 0.21 -6.35
CA ALA A 244 -11.75 -0.56 -6.19
C ALA A 244 -12.95 0.07 -6.88
N GLU A 245 -13.03 1.40 -6.86
CA GLU A 245 -14.20 2.12 -7.30
C GLU A 245 -13.80 3.38 -8.09
N GLY A 246 -14.82 4.00 -8.68
CA GLY A 246 -14.68 5.26 -9.40
C GLY A 246 -15.67 5.22 -10.57
N PRO A 247 -16.09 6.39 -11.05
CA PRO A 247 -15.61 7.68 -10.57
C PRO A 247 -16.34 8.12 -9.29
N PRO A 248 -15.74 9.05 -8.54
CA PRO A 248 -16.34 9.48 -7.27
C PRO A 248 -17.71 10.12 -7.38
N THR A 249 -18.10 10.63 -8.55
CA THR A 249 -19.40 11.29 -8.71
C THR A 249 -20.55 10.28 -8.97
N ASP A 250 -20.16 9.02 -9.15
CA ASP A 250 -21.10 7.95 -9.49
C ASP A 250 -21.78 7.38 -8.24
N PRO A 251 -23.11 7.49 -8.16
CA PRO A 251 -23.86 6.98 -7.00
C PRO A 251 -23.78 5.47 -6.75
N SER A 252 -23.31 4.67 -7.71
CA SER A 252 -23.15 3.23 -7.46
C SER A 252 -21.92 2.92 -6.64
N MET A 253 -21.10 3.93 -6.37
CA MET A 253 -19.81 3.74 -5.71
C MET A 253 -19.97 4.04 -4.22
N THR A 254 -20.21 2.98 -3.45
CA THR A 254 -20.70 3.08 -2.09
C THR A 254 -19.81 2.30 -1.13
N ILE A 255 -19.99 2.52 0.17
CA ILE A 255 -19.30 1.70 1.18
C ILE A 255 -19.56 0.20 1.01
N GLU A 256 -20.81 -0.18 0.83
CA GLU A 256 -21.13 -1.62 0.73
C GLU A 256 -20.41 -2.23 -0.46
N ARG A 257 -20.40 -1.52 -1.58
CA ARG A 257 -19.68 -2.03 -2.74
C ARG A 257 -18.20 -2.22 -2.46
N LEU A 258 -17.63 -1.34 -1.64
CA LEU A 258 -16.19 -1.40 -1.35
C LEU A 258 -15.82 -2.69 -0.61
N MET A 259 -16.78 -3.23 0.17
CA MET A 259 -16.59 -4.45 0.97
C MET A 259 -16.57 -5.76 0.16
N LYS A 260 -16.86 -5.65 -1.14
CA LYS A 260 -17.07 -6.78 -2.06
C LYS A 260 -16.01 -6.91 -3.15
N PRO A 261 -15.68 -8.15 -3.56
CA PRO A 261 -14.80 -8.28 -4.73
C PRO A 261 -15.49 -7.71 -5.96
N ASN A 262 -14.75 -7.55 -7.06
CA ASN A 262 -15.28 -7.01 -8.30
C ASN A 262 -14.43 -7.52 -9.45
N PRO A 263 -14.93 -7.42 -10.70
CA PRO A 263 -14.15 -7.98 -11.82
C PRO A 263 -12.74 -7.37 -11.99
N ARG A 264 -12.54 -6.07 -11.74
CA ARG A 264 -11.17 -5.50 -11.84
C ARG A 264 -10.18 -6.16 -10.87
N LEU A 265 -10.59 -6.30 -9.60
CA LEU A 265 -9.76 -6.99 -8.61
C LEU A 265 -9.44 -8.41 -9.04
N LEU A 266 -10.48 -9.14 -9.47
CA LEU A 266 -10.25 -10.50 -10.00
C LEU A 266 -9.18 -10.52 -11.12
N GLY A 267 -9.29 -9.56 -12.05
CA GLY A 267 -8.37 -9.47 -13.19
C GLY A 267 -6.96 -9.08 -12.78
N GLU A 268 -6.85 -8.10 -11.86
CA GLU A 268 -5.54 -7.74 -11.33
C GLU A 268 -4.89 -8.92 -10.61
N THR A 269 -5.70 -9.64 -9.83
CA THR A 269 -5.18 -10.78 -9.08
C THR A 269 -4.71 -11.91 -10.01
N ALA A 270 -5.51 -12.22 -11.02
CA ALA A 270 -5.13 -13.17 -12.07
C ALA A 270 -3.86 -12.67 -12.77
N GLY A 271 -3.84 -11.38 -13.11
CA GLY A 271 -2.67 -10.74 -13.73
C GLY A 271 -1.40 -10.89 -12.92
N LEU A 272 -1.46 -10.63 -11.61
CA LEU A 272 -0.26 -10.79 -10.79
C LEU A 272 0.19 -12.25 -10.71
N LYS A 273 -0.75 -13.18 -10.51
CA LYS A 273 -0.40 -14.61 -10.49
C LYS A 273 0.23 -15.07 -11.81
N GLN A 274 -0.35 -14.63 -12.94
CA GLN A 274 0.19 -14.96 -14.26
C GLN A 274 1.65 -14.49 -14.43
N VAL A 275 1.92 -13.22 -14.15
CA VAL A 275 3.28 -12.70 -14.32
C VAL A 275 4.30 -13.39 -13.42
N GLU A 276 3.87 -13.77 -12.22
CA GLU A 276 4.77 -14.47 -11.30
C GLU A 276 5.00 -15.91 -11.76
N ALA A 277 3.91 -16.62 -12.12
CA ALA A 277 4.00 -17.98 -12.66
C ALA A 277 4.87 -18.06 -13.91
N ASP A 278 4.58 -17.20 -14.89
CA ASP A 278 5.25 -17.27 -16.21
C ASP A 278 6.67 -16.73 -16.28
N THR A 279 7.03 -15.81 -15.38
CA THR A 279 8.33 -15.13 -15.49
C THR A 279 9.23 -15.27 -14.26
N GLY A 280 8.68 -15.68 -13.13
CA GLY A 280 9.48 -15.76 -11.90
C GLY A 280 9.90 -14.40 -11.29
N LEU A 281 9.42 -13.30 -11.87
CA LEU A 281 9.68 -11.96 -11.32
C LEU A 281 8.65 -11.60 -10.26
N PRO A 282 9.07 -10.95 -9.16
CA PRO A 282 8.10 -10.58 -8.13
C PRO A 282 7.20 -9.46 -8.63
N PHE A 283 6.03 -9.34 -8.02
CA PHE A 283 5.07 -8.32 -8.38
C PHE A 283 4.91 -7.38 -7.17
N ARG A 284 4.69 -6.09 -7.46
CA ARG A 284 4.32 -5.08 -6.43
C ARG A 284 3.17 -4.19 -6.91
N LEU A 285 2.16 -4.01 -6.06
CA LEU A 285 1.03 -3.15 -6.38
C LEU A 285 1.44 -1.73 -5.97
N THR A 286 1.94 -0.94 -6.92
CA THR A 286 2.64 0.33 -6.63
C THR A 286 1.74 1.57 -6.55
N GLU A 287 0.48 1.43 -6.91
CA GLU A 287 -0.48 2.49 -6.67
C GLU A 287 -1.86 1.90 -6.47
N THR A 288 -2.42 2.17 -5.29
CA THR A 288 -3.74 1.64 -4.95
C THR A 288 -4.49 2.52 -3.99
N ASN A 289 -5.78 2.66 -4.24
CA ASN A 289 -6.68 3.11 -3.21
C ASN A 289 -8.13 2.79 -3.48
N SER A 290 -9.03 3.29 -2.64
CA SER A 290 -10.43 2.86 -2.62
C SER A 290 -11.27 3.35 -3.81
N CYS A 291 -10.98 4.55 -4.29
CA CYS A 291 -11.76 5.13 -5.39
C CYS A 291 -10.87 6.08 -6.18
N TYR A 292 -10.87 5.93 -7.51
CA TYR A 292 -9.96 6.76 -8.32
C TYR A 292 -10.40 8.22 -8.46
N GLN A 293 -9.67 8.98 -9.29
CA GLN A 293 -9.83 10.43 -9.38
C GLN A 293 -9.88 11.12 -8.00
N GLY A 294 -9.02 10.65 -7.12
CA GLY A 294 -8.82 11.37 -5.84
C GLY A 294 -9.73 10.92 -4.72
N GLY A 295 -10.53 9.89 -4.96
CA GLY A 295 -11.39 9.35 -3.89
C GLY A 295 -12.75 9.99 -3.73
N LYS A 296 -13.55 9.36 -2.87
CA LYS A 296 -14.93 9.76 -2.74
C LYS A 296 -15.30 10.06 -1.34
N GLN A 297 -15.79 11.28 -1.11
CA GLN A 297 -16.25 11.69 0.21
C GLN A 297 -17.41 10.81 0.68
N GLY A 298 -17.34 10.39 1.93
CA GLY A 298 -18.38 9.51 2.48
C GLY A 298 -18.15 8.04 2.17
N VAL A 299 -17.06 7.72 1.47
CA VAL A 299 -16.60 6.35 1.28
C VAL A 299 -15.11 6.21 1.62
N SER A 300 -14.28 6.89 0.84
CA SER A 300 -12.80 6.78 0.94
C SER A 300 -12.28 7.29 2.32
N ASP A 301 -12.99 8.25 2.88
CA ASP A 301 -12.57 8.85 4.16
C ASP A 301 -13.24 8.24 5.38
N THR A 302 -13.72 6.99 5.26
CA THR A 302 -14.55 6.43 6.35
C THR A 302 -13.86 5.18 6.95
N PHE A 303 -14.38 4.73 8.08
CA PHE A 303 -13.89 3.53 8.74
C PHE A 303 -13.88 2.33 7.81
N ALA A 304 -14.90 2.21 6.95
CA ALA A 304 -14.92 1.13 5.94
C ALA A 304 -13.63 1.01 5.14
N ALA A 305 -12.98 2.14 4.85
CA ALA A 305 -11.72 2.10 4.13
C ALA A 305 -10.61 1.41 4.92
N ALA A 306 -10.69 1.43 6.25
CA ALA A 306 -9.70 0.72 7.07
C ALA A 306 -9.84 -0.78 6.87
N LEU A 307 -11.09 -1.26 6.88
CA LEU A 307 -11.39 -2.69 6.67
C LEU A 307 -10.96 -3.06 5.27
N TRP A 308 -11.32 -2.19 4.31
CA TRP A 308 -10.95 -2.40 2.91
C TRP A 308 -9.44 -2.53 2.74
N ALA A 309 -8.67 -1.60 3.36
CA ALA A 309 -7.25 -1.54 3.05
C ALA A 309 -6.48 -2.68 3.72
N GLY A 310 -6.83 -3.00 4.95
CA GLY A 310 -6.16 -4.10 5.65
C GLY A 310 -6.44 -5.44 5.00
N ASP A 311 -7.70 -5.66 4.65
CA ASP A 311 -8.05 -6.85 3.89
C ASP A 311 -7.31 -6.96 2.54
N LEU A 312 -7.21 -5.85 1.79
CA LEU A 312 -6.47 -5.84 0.51
C LEU A 312 -5.02 -6.25 0.70
N MET A 313 -4.37 -5.68 1.71
CA MET A 313 -2.97 -6.02 1.96
C MET A 313 -2.77 -7.54 2.10
N TYR A 314 -3.63 -8.19 2.88
CA TYR A 314 -3.55 -9.63 3.07
C TYR A 314 -3.93 -10.46 1.82
N GLN A 315 -5.02 -10.07 1.16
CA GLN A 315 -5.45 -10.79 -0.04
C GLN A 315 -4.36 -10.79 -1.13
N GLN A 316 -3.76 -9.63 -1.34
CA GLN A 316 -2.69 -9.50 -2.33
C GLN A 316 -1.48 -10.32 -1.96
N ALA A 317 -1.09 -10.33 -0.67
CA ALA A 317 0.08 -11.10 -0.25
C ALA A 317 -0.17 -12.59 -0.43
N ALA A 318 -1.39 -13.02 -0.08
CA ALA A 318 -1.80 -14.41 -0.24
C ALA A 318 -1.74 -14.85 -1.71
N ALA A 319 -2.05 -13.92 -2.62
CA ALA A 319 -1.99 -14.21 -4.07
C ALA A 319 -0.55 -14.16 -4.62
N GLY A 320 0.38 -13.64 -3.82
CA GLY A 320 1.78 -13.58 -4.24
C GLY A 320 2.43 -12.22 -4.40
N SER A 321 1.67 -11.15 -4.19
CA SER A 321 2.26 -9.80 -4.21
C SER A 321 3.33 -9.68 -3.13
N THR A 322 4.41 -8.97 -3.46
CA THR A 322 5.51 -8.75 -2.51
C THR A 322 5.37 -7.40 -1.78
N GLY A 323 4.37 -6.60 -2.13
CA GLY A 323 4.19 -5.33 -1.47
C GLY A 323 3.13 -4.45 -2.04
N ILE A 324 2.98 -3.28 -1.42
CA ILE A 324 1.86 -2.42 -1.71
C ILE A 324 2.24 -0.98 -1.48
N ASN A 325 1.53 -0.08 -2.14
CA ASN A 325 1.72 1.36 -1.94
C ASN A 325 0.39 2.07 -2.07
N PHE A 326 -0.19 2.49 -0.92
CA PHE A 326 -1.46 3.19 -0.91
C PHE A 326 -1.22 4.63 -1.27
N HIS A 327 -1.90 5.09 -2.29
CA HIS A 327 -1.71 6.45 -2.75
C HIS A 327 -2.31 7.46 -1.77
N GLY A 328 -1.76 8.66 -1.74
CA GLY A 328 -2.27 9.64 -0.81
C GLY A 328 -1.55 10.96 -0.95
N GLY A 329 -1.64 11.76 0.11
CA GLY A 329 -1.03 13.05 0.16
C GLY A 329 -2.06 14.13 0.44
N GLY A 330 -1.56 15.32 0.86
CA GLY A 330 -2.43 16.42 1.15
C GLY A 330 -3.51 16.05 2.16
N TYR A 331 -4.75 16.46 1.87
CA TYR A 331 -5.90 16.01 2.66
C TYR A 331 -6.83 15.17 1.80
N GLY A 332 -6.29 14.49 0.80
CA GLY A 332 -7.07 13.69 -0.15
C GLY A 332 -8.07 12.78 0.55
N TRP A 333 -9.25 12.61 -0.06
CA TRP A 333 -10.26 11.78 0.57
C TRP A 333 -9.76 10.41 0.98
N TYR A 334 -8.91 9.81 0.17
CA TYR A 334 -8.41 8.47 0.51
C TYR A 334 -7.04 8.43 1.18
N THR A 335 -6.47 9.58 1.53
CA THR A 335 -5.11 9.53 2.05
C THR A 335 -4.99 8.77 3.38
N PRO A 336 -4.02 7.84 3.51
CA PRO A 336 -3.84 7.24 4.83
C PRO A 336 -3.43 8.28 5.89
N VAL A 337 -2.45 9.13 5.55
CA VAL A 337 -1.98 10.24 6.44
C VAL A 337 -2.36 11.58 5.80
N ALA A 338 -2.98 12.47 6.57
CA ALA A 338 -3.33 13.79 6.06
C ALA A 338 -2.54 14.91 6.77
N GLY A 339 -2.28 16.01 6.10
CA GLY A 339 -1.71 17.17 6.81
C GLY A 339 -0.62 17.87 6.04
N THR A 340 0.06 18.77 6.73
CA THR A 340 1.08 19.61 6.10
C THR A 340 2.17 19.85 7.17
N PRO A 341 3.40 20.16 6.73
CA PRO A 341 4.44 20.49 7.74
C PRO A 341 4.07 21.69 8.61
N GLU A 342 3.25 22.60 8.10
CA GLU A 342 2.83 23.78 8.86
C GLU A 342 1.74 23.52 9.90
N ASP A 343 0.78 22.64 9.58
CA ASP A 343 -0.39 22.47 10.42
C ASP A 343 -0.37 21.14 11.18
N GLY A 344 0.57 20.26 10.84
CA GLY A 344 0.66 18.94 11.46
C GLY A 344 -0.04 17.85 10.67
N PHE A 345 0.25 16.61 11.06
CA PHE A 345 -0.27 15.43 10.34
C PHE A 345 -1.15 14.59 11.27
N ILE A 346 -2.10 13.85 10.66
CA ILE A 346 -3.04 13.02 11.41
C ILE A 346 -3.30 11.73 10.65
N ALA A 347 -3.62 10.67 11.39
CA ALA A 347 -3.93 9.40 10.74
C ALA A 347 -5.42 9.44 10.39
N ARG A 348 -5.72 9.22 9.11
CA ARG A 348 -7.11 9.13 8.70
C ARG A 348 -7.59 7.68 8.91
N PRO A 349 -8.90 7.41 8.70
CA PRO A 349 -9.40 6.07 9.03
C PRO A 349 -8.64 4.94 8.31
N GLU A 350 -8.31 5.13 7.04
CA GLU A 350 -7.62 4.08 6.30
C GLU A 350 -6.32 3.65 6.97
N TYR A 351 -5.60 4.61 7.58
CA TYR A 351 -4.34 4.32 8.28
C TYR A 351 -4.49 3.12 9.24
N TYR A 352 -5.63 3.03 9.91
CA TYR A 352 -5.81 2.02 10.95
C TYR A 352 -5.87 0.59 10.42
N GLY A 353 -6.30 0.41 9.18
CA GLY A 353 -6.23 -0.90 8.48
C GLY A 353 -4.79 -1.29 8.24
N MET A 354 -3.98 -0.30 7.82
CA MET A 354 -2.53 -0.51 7.65
C MET A 354 -1.82 -0.75 8.98
N LEU A 355 -2.28 -0.05 10.02
CA LEU A 355 -1.72 -0.24 11.36
C LEU A 355 -1.96 -1.68 11.88
N LEU A 356 -3.15 -2.24 11.61
CA LEU A 356 -3.42 -3.61 12.04
C LEU A 356 -2.36 -4.51 11.43
N PHE A 357 -2.12 -4.34 10.13
CA PHE A 357 -1.11 -5.09 9.40
C PHE A 357 0.29 -4.89 9.97
N ALA A 358 0.68 -3.63 10.21
CA ALA A 358 1.94 -3.32 10.89
C ALA A 358 2.08 -4.11 12.19
N GLN A 359 1.02 -4.11 13.01
CA GLN A 359 1.07 -4.76 14.34
C GLN A 359 1.23 -6.27 14.22
N ALA A 360 0.63 -6.87 13.20
CA ALA A 360 0.76 -8.30 12.93
C ALA A 360 2.17 -8.67 12.51
N GLY A 361 2.78 -7.83 11.66
CA GLY A 361 4.20 -7.99 11.29
C GLY A 361 4.48 -9.01 10.19
N ALA A 362 5.76 -9.28 9.94
CA ALA A 362 6.14 -10.11 8.82
C ALA A 362 6.07 -11.60 9.22
N GLY A 363 6.08 -12.47 8.22
CA GLY A 363 6.13 -13.91 8.49
C GLY A 363 5.62 -14.67 7.29
N GLN A 364 5.13 -15.87 7.54
CA GLN A 364 4.65 -16.71 6.45
C GLN A 364 3.18 -17.04 6.61
N LEU A 365 2.41 -16.84 5.54
CA LEU A 365 0.97 -17.08 5.61
C LEU A 365 0.74 -18.57 5.66
N LEU A 366 -0.36 -18.96 6.30
CA LEU A 366 -0.73 -20.37 6.55
C LEU A 366 -2.12 -20.61 5.99
N GLY A 367 -2.44 -21.85 5.64
CA GLY A 367 -3.81 -22.21 5.25
C GLY A 367 -4.85 -21.81 6.28
N ALA A 368 -5.89 -21.10 5.83
CA ALA A 368 -6.98 -20.74 6.73
C ALA A 368 -8.26 -20.66 5.92
N LYS A 369 -9.15 -21.62 6.18
CA LYS A 369 -10.41 -21.75 5.42
C LYS A 369 -11.65 -21.40 6.25
N LEU A 370 -12.48 -20.53 5.70
CA LEU A 370 -13.81 -20.28 6.27
C LEU A 370 -14.89 -21.23 5.74
N THR A 371 -15.80 -21.64 6.63
CA THR A 371 -16.89 -22.55 6.32
C THR A 371 -18.13 -22.04 7.03
N ASP A 372 -19.29 -22.54 6.63
CA ASP A 372 -20.60 -22.10 7.15
C ASP A 372 -20.72 -20.57 7.09
N ASN A 373 -20.21 -19.96 6.03
CA ASN A 373 -20.11 -18.51 6.00
C ASN A 373 -20.95 -17.84 4.92
N SER A 374 -21.86 -18.59 4.30
CA SER A 374 -22.67 -18.02 3.23
C SER A 374 -23.61 -16.91 3.68
N ALA A 375 -23.98 -16.89 4.96
CA ALA A 375 -24.75 -15.76 5.48
C ALA A 375 -23.85 -14.63 6.02
N ALA A 376 -22.54 -14.78 5.89
CA ALA A 376 -21.60 -13.73 6.29
C ALA A 376 -20.46 -13.75 5.28
N PRO A 377 -20.82 -13.53 4.00
CA PRO A 377 -19.93 -13.82 2.89
C PRO A 377 -18.71 -12.89 2.79
N LEU A 378 -18.80 -11.71 3.40
CA LEU A 378 -17.76 -10.70 3.25
C LEU A 378 -16.75 -10.73 4.40
N LEU A 379 -16.87 -11.70 5.30
CA LEU A 379 -15.86 -11.86 6.34
C LEU A 379 -14.60 -12.48 5.71
N THR A 380 -13.45 -11.88 5.97
CA THR A 380 -12.20 -12.51 5.55
C THR A 380 -11.28 -12.76 6.72
N ALA A 381 -10.34 -13.70 6.55
CA ALA A 381 -9.39 -14.10 7.62
C ALA A 381 -8.13 -14.67 7.05
N TYR A 382 -7.02 -14.32 7.68
CA TYR A 382 -5.69 -14.70 7.22
C TYR A 382 -4.89 -15.11 8.44
N ALA A 383 -4.26 -16.29 8.36
CA ALA A 383 -3.36 -16.76 9.43
C ALA A 383 -1.90 -16.62 8.98
N LEU A 384 -1.04 -16.30 9.92
CA LEU A 384 0.34 -15.96 9.62
C LEU A 384 1.18 -16.59 10.73
N ARG A 385 2.28 -17.26 10.38
CA ARG A 385 3.30 -17.59 11.37
C ARG A 385 4.30 -16.45 11.37
N GLY A 386 4.35 -15.71 12.46
CA GLY A 386 5.14 -14.49 12.52
C GLY A 386 6.60 -14.84 12.59
N THR A 387 7.46 -13.89 12.25
CA THR A 387 8.91 -14.07 12.36
C THR A 387 9.34 -14.66 13.72
N ASP A 388 8.69 -14.18 14.78
CA ASP A 388 8.97 -14.59 16.15
C ASP A 388 8.34 -15.96 16.47
N GLY A 389 7.72 -16.57 15.48
CA GLY A 389 7.19 -17.91 15.63
C GLY A 389 5.78 -18.00 16.18
N ARG A 390 5.23 -16.86 16.64
CA ARG A 390 3.85 -16.81 17.15
C ARG A 390 2.85 -16.70 16.00
N THR A 391 1.71 -17.37 16.14
CA THR A 391 0.65 -17.31 15.15
C THR A 391 -0.18 -16.05 15.36
N ARG A 392 -0.54 -15.42 14.25
CA ARG A 392 -1.48 -14.31 14.27
C ARG A 392 -2.59 -14.61 13.31
N ILE A 393 -3.78 -14.05 13.56
CA ILE A 393 -4.86 -14.16 12.60
C ILE A 393 -5.44 -12.77 12.48
N ALA A 394 -5.51 -12.27 11.25
CA ALA A 394 -6.17 -10.97 10.97
C ALA A 394 -7.53 -11.31 10.41
N LEU A 395 -8.59 -10.75 11.00
CA LEU A 395 -9.94 -10.97 10.47
C LEU A 395 -10.57 -9.65 10.10
N PHE A 396 -11.34 -9.65 9.02
CA PHE A 396 -12.06 -8.44 8.63
C PHE A 396 -13.50 -8.83 8.41
N ASN A 397 -14.35 -8.50 9.38
CA ASN A 397 -15.79 -8.66 9.17
C ASN A 397 -16.34 -7.49 8.38
N LYS A 398 -16.20 -7.58 7.06
CA LYS A 398 -16.66 -6.57 6.12
C LYS A 398 -18.16 -6.62 5.88
N ASN A 399 -18.83 -7.61 6.47
CA ASN A 399 -20.31 -7.63 6.49
C ASN A 399 -20.82 -6.43 7.26
N LEU A 400 -21.56 -5.56 6.57
CA LEU A 400 -22.03 -4.32 7.19
C LEU A 400 -23.18 -4.54 8.16
N ASP A 401 -23.92 -5.63 7.95
CA ASP A 401 -25.12 -5.91 8.74
C ASP A 401 -25.11 -7.16 9.63
N ALA A 402 -24.05 -7.98 9.56
CA ALA A 402 -24.06 -9.24 10.31
C ALA A 402 -22.91 -9.33 11.30
N ASP A 403 -23.22 -9.55 12.58
CA ASP A 403 -22.21 -10.01 13.54
C ASP A 403 -21.84 -11.45 13.26
N VAL A 404 -20.61 -11.84 13.63
CA VAL A 404 -20.18 -13.21 13.44
C VAL A 404 -19.66 -13.83 14.73
N GLU A 405 -19.76 -15.16 14.79
CA GLU A 405 -19.08 -15.91 15.84
C GLU A 405 -18.17 -16.90 15.15
N VAL A 406 -16.86 -16.74 15.31
CA VAL A 406 -15.89 -17.53 14.54
C VAL A 406 -15.30 -18.64 15.40
N ALA A 407 -15.53 -19.88 14.98
CA ALA A 407 -15.00 -21.05 15.70
C ALA A 407 -13.67 -21.36 15.04
N ILE A 408 -12.58 -20.99 15.71
CA ILE A 408 -11.26 -21.15 15.11
C ILE A 408 -10.67 -22.48 15.57
N SER A 409 -10.10 -23.25 14.64
CA SER A 409 -9.39 -24.48 15.02
C SER A 409 -8.05 -24.57 14.34
N GLY A 410 -7.19 -25.51 14.77
CA GLY A 410 -5.87 -25.65 14.15
C GLY A 410 -4.79 -24.78 14.76
N VAL A 411 -5.13 -24.03 15.81
CA VAL A 411 -4.15 -23.12 16.42
C VAL A 411 -3.48 -23.68 17.68
N ALA A 412 -2.23 -24.08 17.51
CA ALA A 412 -1.45 -24.67 18.59
C ALA A 412 -0.94 -23.63 19.59
N SER A 413 -1.80 -23.27 20.53
CA SER A 413 -1.49 -22.20 21.47
C SER A 413 -2.44 -22.32 22.63
N PRO A 414 -1.99 -21.96 23.85
CA PRO A 414 -2.89 -22.04 25.00
C PRO A 414 -3.87 -20.86 25.06
N SER A 415 -3.51 -19.74 24.45
CA SER A 415 -4.30 -18.51 24.60
C SER A 415 -3.86 -17.44 23.61
N GLY A 416 -4.74 -16.48 23.37
CA GLY A 416 -4.37 -15.35 22.54
C GLY A 416 -4.93 -14.06 23.10
N THR A 417 -4.42 -12.96 22.56
CA THR A 417 -4.98 -11.65 22.86
CA THR A 417 -4.99 -11.65 22.85
C THR A 417 -5.64 -11.13 21.57
N VAL A 418 -6.73 -10.40 21.71
CA VAL A 418 -7.36 -9.81 20.52
C VAL A 418 -7.25 -8.29 20.63
N LEU A 419 -6.82 -7.67 19.51
CA LEU A 419 -6.88 -6.21 19.35
C LEU A 419 -7.94 -5.91 18.31
N ARG A 420 -8.87 -5.02 18.64
CA ARG A 420 -10.03 -4.78 17.80
C ARG A 420 -9.83 -3.54 16.94
N LEU A 421 -10.29 -3.61 15.69
CA LEU A 421 -10.31 -2.46 14.79
C LEU A 421 -11.77 -2.02 14.71
N GLU A 422 -12.08 -0.83 15.20
CA GLU A 422 -13.46 -0.44 15.42
C GLU A 422 -13.80 1.01 15.12
N ALA A 423 -15.06 1.25 14.77
CA ALA A 423 -15.67 2.57 14.84
C ALA A 423 -17.18 2.35 15.10
N PRO A 424 -17.87 3.34 15.70
CA PRO A 424 -19.29 3.10 16.02
C PRO A 424 -20.23 2.87 14.81
N ARG A 425 -19.81 3.27 13.60
CA ARG A 425 -20.61 3.12 12.38
C ARG A 425 -19.65 3.05 11.21
N ALA A 426 -20.04 2.30 10.17
CA ALA A 426 -19.15 2.02 9.06
C ALA A 426 -18.72 3.28 8.30
N ASP A 427 -19.59 4.30 8.27
CA ASP A 427 -19.31 5.50 7.51
C ASP A 427 -18.72 6.63 8.37
N ASP A 428 -18.30 6.33 9.59
CA ASP A 428 -17.68 7.36 10.44
C ASP A 428 -16.37 7.86 9.82
N THR A 429 -16.19 9.19 9.83
CA THR A 429 -14.95 9.82 9.33
C THR A 429 -13.96 10.02 10.47
N THR A 430 -14.38 9.61 11.66
CA THR A 430 -13.55 9.69 12.85
C THR A 430 -13.93 8.56 13.83
N ASP A 431 -13.56 8.69 15.10
CA ASP A 431 -13.94 7.72 16.16
C ASP A 431 -13.34 6.34 15.87
N VAL A 432 -12.24 6.31 15.13
CA VAL A 432 -11.63 5.04 14.74
C VAL A 432 -10.56 4.67 15.75
N THR A 433 -10.60 3.44 16.21
CA THR A 433 -9.57 3.01 17.15
C THR A 433 -9.03 1.64 16.78
N PHE A 434 -7.81 1.36 17.22
CA PHE A 434 -7.27 0.01 17.09
C PHE A 434 -6.64 -0.38 18.42
N GLY A 435 -6.98 -1.56 18.93
CA GLY A 435 -6.50 -1.92 20.27
C GLY A 435 -6.98 -0.94 21.31
N GLY A 436 -8.18 -0.40 21.09
CA GLY A 436 -8.78 0.51 22.07
C GLY A 436 -8.16 1.89 22.18
N ALA A 437 -7.39 2.30 21.18
CA ALA A 437 -6.72 3.61 21.20
C ALA A 437 -6.68 4.26 19.81
N PRO A 438 -6.81 5.61 19.75
CA PRO A 438 -6.50 6.28 18.50
C PRO A 438 -4.97 6.36 18.29
N VAL A 439 -4.55 6.61 17.07
CA VAL A 439 -3.17 7.07 16.77
C VAL A 439 -3.03 8.54 17.16
N GLY A 440 -1.94 8.88 17.85
CA GLY A 440 -1.76 10.28 18.21
C GLY A 440 -0.81 11.03 17.29
N ALA A 441 -0.06 11.97 17.85
CA ALA A 441 0.85 12.78 17.02
C ALA A 441 2.00 11.95 16.53
N SER A 442 2.46 12.27 15.32
CA SER A 442 3.65 11.61 14.74
C SER A 442 3.56 10.09 14.76
N GLY A 443 2.36 9.53 14.54
CA GLY A 443 2.25 8.09 14.48
C GLY A 443 2.29 7.34 15.81
N SER A 444 2.25 8.04 16.93
CA SER A 444 2.30 7.37 18.22
CA SER A 444 2.30 7.37 18.23
C SER A 444 1.05 6.50 18.48
N TRP A 445 1.27 5.28 18.94
CA TRP A 445 0.16 4.33 19.13
C TRP A 445 0.65 3.19 20.05
N SER A 446 -0.17 2.83 21.04
CA SER A 446 0.01 1.67 21.95
C SER A 446 -1.37 1.11 22.20
N PRO A 447 -1.52 -0.22 22.26
CA PRO A 447 -2.84 -0.75 22.57
C PRO A 447 -3.22 -0.47 24.02
N LEU A 448 -4.45 -0.04 24.25
CA LEU A 448 -4.94 0.23 25.58
C LEU A 448 -6.06 -0.71 26.00
N VAL A 449 -6.65 -1.41 25.02
CA VAL A 449 -7.65 -2.40 25.29
C VAL A 449 -7.27 -3.69 24.56
N GLN A 450 -7.09 -4.76 25.34
CA GLN A 450 -6.65 -6.08 24.89
C GLN A 450 -7.53 -7.13 25.55
N GLU A 451 -8.15 -8.02 24.77
CA GLU A 451 -8.93 -9.06 25.41
CA GLU A 451 -9.02 -9.09 25.31
CA GLU A 451 -9.00 -9.08 25.34
C GLU A 451 -8.29 -10.43 25.29
N TYR A 452 -8.25 -11.12 26.42
CA TYR A 452 -7.67 -12.48 26.51
C TYR A 452 -8.68 -13.50 25.96
N VAL A 453 -8.24 -14.38 25.07
CA VAL A 453 -9.11 -15.45 24.56
C VAL A 453 -8.47 -16.81 24.90
N PRO A 454 -9.12 -17.58 25.80
CA PRO A 454 -8.55 -18.87 26.21
C PRO A 454 -8.80 -19.94 25.15
N GLY A 455 -7.86 -20.84 24.93
CA GLY A 455 -8.08 -21.92 23.96
C GLY A 455 -7.90 -23.30 24.55
N HIS A 456 -8.47 -24.29 23.88
CA HIS A 456 -8.28 -25.71 24.24
C HIS A 456 -8.23 -26.54 22.99
N SER A 457 -7.23 -27.42 22.94
CA SER A 457 -7.03 -28.31 21.82
C SER A 457 -6.95 -27.51 20.51
N GLY A 458 -6.48 -26.27 20.60
CA GLY A 458 -6.28 -25.43 19.42
C GLY A 458 -7.53 -24.68 18.96
N GLN A 459 -8.60 -24.84 19.73
CA GLN A 459 -9.88 -24.20 19.41
C GLN A 459 -10.20 -22.95 20.23
N PHE A 460 -10.65 -21.90 19.54
CA PHE A 460 -10.87 -20.60 20.14
C PHE A 460 -12.18 -20.09 19.55
N VAL A 461 -12.90 -19.29 20.30
CA VAL A 461 -14.14 -18.68 19.76
C VAL A 461 -14.06 -17.18 19.85
N LEU A 462 -14.31 -16.49 18.74
CA LEU A 462 -14.19 -15.04 18.71
C LEU A 462 -15.45 -14.44 18.14
N HIS A 463 -16.09 -13.55 18.88
CA HIS A 463 -17.21 -12.78 18.34
CA HIS A 463 -17.20 -12.79 18.36
C HIS A 463 -16.65 -11.52 17.67
N MET A 464 -17.25 -11.13 16.54
CA MET A 464 -16.95 -9.81 15.96
C MET A 464 -18.28 -9.13 15.57
N ARG A 465 -18.46 -7.90 16.05
CA ARG A 465 -19.52 -7.03 15.56
C ARG A 465 -19.49 -6.90 14.05
N LYS A 466 -20.64 -6.58 13.47
CA LYS A 466 -20.68 -6.14 12.06
C LYS A 466 -19.65 -5.00 11.84
N ALA A 467 -19.14 -4.89 10.62
CA ALA A 467 -18.22 -3.78 10.22
C ALA A 467 -17.12 -3.54 11.26
N SER A 468 -16.30 -4.58 11.46
CA SER A 468 -15.22 -4.49 12.42
C SER A 468 -14.05 -5.35 11.99
N GLY A 469 -12.91 -5.13 12.61
CA GLY A 469 -11.77 -6.02 12.38
C GLY A 469 -11.13 -6.48 13.68
N ALA A 470 -10.24 -7.46 13.58
CA ALA A 470 -9.54 -7.98 14.77
C ALA A 470 -8.18 -8.58 14.41
N LEU A 471 -7.23 -8.39 15.30
CA LEU A 471 -5.94 -9.08 15.15
C LEU A 471 -5.77 -9.95 16.39
N LEU A 472 -5.53 -11.24 16.17
CA LEU A 472 -5.35 -12.18 17.25
C LEU A 472 -3.88 -12.51 17.25
N GLU A 473 -3.26 -12.37 18.40
CA GLU A 473 -1.87 -12.81 18.60
CA GLU A 473 -1.87 -12.75 18.62
C GLU A 473 -1.82 -13.89 19.65
N PHE A 474 -1.33 -15.07 19.24
CA PHE A 474 -1.39 -16.25 20.10
C PHE A 474 -0.09 -16.48 20.81
N ALA A 475 -0.18 -16.95 22.05
CA ALA A 475 1.00 -17.17 22.91
C ALA A 475 1.76 -18.41 22.44
N LYS A 476 3.09 -18.40 22.60
CA LYS A 476 3.88 -19.65 22.47
C LYS A 476 3.37 -20.70 23.46
N LEU A 477 3.50 -21.99 23.15
CA LEU A 477 3.26 -23.03 24.16
C LEU A 477 4.35 -23.00 25.22
N ALA A 478 3.97 -23.11 26.49
CA ALA A 478 4.91 -23.40 27.58
C ALA A 478 6.11 -22.43 27.69
N ALA A 479 5.87 -21.15 27.40
CA ALA A 479 6.96 -20.16 27.40
C ALA A 479 6.87 -19.08 28.49
N ALA A 480 6.19 -19.39 29.60
CA ALA A 480 5.91 -18.38 30.66
C ALA A 480 7.16 -17.91 31.41
N LEU A 481 8.23 -18.69 31.33
CA LEU A 481 9.50 -18.42 32.04
C LEU A 481 10.64 -18.01 31.09
N GLN A 482 10.30 -17.73 29.83
CA GLN A 482 11.26 -17.33 28.80
C GLN A 482 11.87 -15.94 29.09
N HIS A 483 13.18 -15.81 28.82
CA HIS A 483 13.91 -14.53 28.92
C HIS A 483 13.87 -13.78 27.58
C1 GUZ B . -3.11 6.97 -9.84
C2 GUZ B . -2.50 8.23 -10.44
F2 GUZ B . -1.19 7.94 -10.72
C3 GUZ B . -2.59 9.33 -9.42
O3 GUZ B . -2.02 10.52 -9.95
C4 GUZ B . -4.07 9.52 -9.08
O4 GUZ B . -4.24 10.41 -7.99
C5 GUZ B . -4.77 8.20 -8.75
C6 GUZ B . -6.28 8.40 -8.66
O6A GUZ B . -6.94 8.30 -9.73
O6B GUZ B . -6.82 8.66 -7.56
O5 GUZ B . -4.49 7.20 -9.72
O6B GUF C . -5.69 19.42 -19.93
C6 GUF C . -5.19 18.74 -20.86
O6A GUF C . -4.22 19.09 -21.56
C5 GUF C . -5.78 17.35 -21.14
O5 GUF C . -5.71 16.54 -19.94
C4 GUF C . -7.24 17.41 -21.62
O4 GUF C . -7.31 18.09 -22.86
C3 GUF C . -7.80 15.98 -21.82
O3 GUF C . -9.20 16.07 -22.10
C2 GUF C . -7.60 15.12 -20.57
F2 GUF C . -8.04 13.83 -20.80
C1 GUF C . -6.12 15.17 -20.11
C1 DNF D . -4.86 14.04 -18.45
O1 DNF D . -6.04 14.63 -18.79
C2 DNF D . -4.90 13.15 -17.36
N2 DNF D . -6.05 12.91 -16.71
O21 DNF D . -6.16 11.73 -16.05
O22 DNF D . -7.05 13.85 -16.65
C3 DNF D . -3.74 12.52 -16.95
C4 DNF D . -2.53 12.75 -17.58
N4 DNF D . -1.46 12.11 -17.11
O41 DNF D . -0.21 12.35 -17.64
O42 DNF D . -1.61 11.30 -16.15
C5 DNF D . -2.47 13.65 -18.67
C6 DNF D . -3.64 14.29 -19.09
O6B GUF E . 6.05 20.46 -21.31
C6 GUF E . 7.10 21.15 -21.20
O6A GUF E . 7.31 22.06 -20.36
C5 GUF E . 8.27 20.84 -22.13
O5 GUF E . 9.35 20.38 -21.28
C4 GUF E . 7.88 19.79 -23.18
O4 GUF E . 6.89 20.33 -24.07
C3 GUF E . 9.11 19.43 -23.96
O3 GUF E . 8.73 18.53 -25.03
C2 GUF E . 10.12 18.77 -23.02
F2 GUF E . 11.18 18.38 -23.74
C1 GUF E . 10.51 19.75 -21.87
C1 DNF F . 11.90 19.72 -19.85
O1 DNF F . 11.24 19.01 -20.83
C2 DNF F . 13.18 19.26 -19.49
N2 DNF F . 13.68 18.18 -20.12
O21 DNF F . 15.02 18.26 -20.71
O22 DNF F . 12.93 16.96 -20.14
C3 DNF F . 13.92 19.90 -18.51
C4 DNF F . 13.39 21.01 -17.84
N4 DNF F . 14.11 21.62 -16.88
O41 DNF F . 13.48 22.59 -16.04
O42 DNF F . 15.47 21.22 -16.68
C5 DNF F . 12.12 21.48 -18.19
C6 DNF F . 11.37 20.84 -19.18
C1 DNF G . -0.55 -12.56 27.07
O1 DNF G . 0.46 -13.47 27.04
C2 DNF G . -1.79 -13.04 26.69
N2 DNF G . -1.88 -14.34 26.30
O21 DNF G . -2.46 -14.65 25.09
O22 DNF G . -1.30 -15.37 27.09
C3 DNF G . -2.90 -12.17 26.70
C4 DNF G . -2.73 -10.84 27.10
N4 DNF G . -3.78 -9.99 27.10
O41 DNF G . -3.50 -8.51 27.32
O42 DNF G . -5.08 -10.49 26.85
C5 DNF G . -1.47 -10.37 27.50
C6 DNF G . -0.38 -11.23 27.49
P PO4 H . -6.13 17.87 -1.35
O1 PO4 H . -6.36 19.08 -2.24
O2 PO4 H . -5.89 16.68 -2.25
O3 PO4 H . -4.94 18.01 -0.44
O4 PO4 H . -7.38 17.66 -0.51
P PO4 I . -17.03 -6.97 19.65
O1 PO4 I . -16.82 -6.75 18.16
O2 PO4 I . -17.49 -8.40 19.90
O3 PO4 I . -15.75 -6.67 20.39
O4 PO4 I . -18.08 -6.04 20.22
#